data_3L5A
#
_entry.id   3L5A
#
_cell.length_a   69.941
_cell.length_b   75.342
_cell.length_c   80.736
_cell.angle_alpha   90.000
_cell.angle_beta   90.000
_cell.angle_gamma   90.000
#
_symmetry.space_group_name_H-M   'P 21 21 21'
#
loop_
_entity.id
_entity.type
_entity.pdbx_description
1 polymer 'NADH/flavin oxidoreductase/NADH oxidase'
2 non-polymer 'TRIETHYLENE GLYCOL'
3 water water
#
_entity_poly.entity_id   1
_entity_poly.type   'polypeptide(L)'
_entity_poly.pdbx_seq_one_letter_code
;(MSE)GSSHHHHHHSSGLVPRGSH(MSE)YRYKPLLQSIHLPNGIKISNRFVLSP(MSE)TVNASTKEGYITKADLAYAA
RRSNSAG(MSE)QVTGAAYIEPYGKLFEYGFNIDHDACIPGLTN(MSE)AST(MSE)KQHGSLAIIQLAHAGRFSNQAIL
NFGKVYGPSP(MSE)TLHSPIEHVVIA(MSE)SHEKINSIIQQYRDATLRAIKAGFDGVEISIAQRLLIQTFFSTFSNRR
TDHYGADSLKNRARLCLEV(MSE)RAVQEVIDKEAPDNFILGFRATPEETRGSDLGYTIDEFNQLIDWV(MSE)DVSNIQ
YLAIASWGRHIYQNTSRTPGDHFGRPVNQIVYEHLAGRIPLIASGGINSPESALDALQHAD(MSE)VG(MSE)SSPFVTE
PDFVHKLAEQRPHDINLEFS(MSE)ADLEDLAIPHAAFKDIVK(MSE)(MSE)DYGEGLKKHTRDALRQLEQNYHDSSS
;
_entity_poly.pdbx_strand_id   A
#
# COMPACT_ATOMS: atom_id res chain seq x y z
N TYR A 22 8.13 -4.45 30.81
CA TYR A 22 7.56 -5.37 29.84
C TYR A 22 8.30 -5.25 28.51
N ARG A 23 8.76 -6.37 27.98
CA ARG A 23 9.61 -6.37 26.78
C ARG A 23 8.98 -5.70 25.58
N TYR A 24 7.66 -5.86 25.43
CA TYR A 24 6.97 -5.38 24.23
C TYR A 24 6.34 -4.00 24.39
N LYS A 25 6.63 -3.33 25.51
CA LYS A 25 6.17 -1.97 25.78
C LYS A 25 6.33 -0.94 24.64
N PRO A 26 7.49 -0.93 23.95
CA PRO A 26 7.69 0.08 22.90
C PRO A 26 6.62 0.03 21.81
N LEU A 27 6.08 -1.15 21.55
CA LEU A 27 5.07 -1.33 20.50
C LEU A 27 3.72 -0.77 20.87
N LEU A 28 3.53 -0.52 22.16
CA LEU A 28 2.28 -0.01 22.71
C LEU A 28 2.31 1.49 22.98
N GLN A 29 3.45 2.12 22.72
CA GLN A 29 3.61 3.55 22.93
C GLN A 29 2.85 4.30 21.83
N SER A 30 2.28 5.44 22.19
CA SER A 30 1.55 6.26 21.23
C SER A 30 2.54 6.95 20.32
N ILE A 31 2.02 7.45 19.20
CA ILE A 31 2.82 8.23 18.27
C ILE A 31 1.94 9.30 17.65
N HIS A 32 2.51 10.48 17.41
CA HIS A 32 1.82 11.50 16.64
C HIS A 32 2.31 11.52 15.20
N LEU A 33 1.36 11.63 14.28
CA LEU A 33 1.72 11.92 12.90
C LEU A 33 2.19 13.39 12.81
N PRO A 34 2.87 13.76 11.70
CA PRO A 34 3.28 15.16 11.52
C PRO A 34 2.16 16.18 11.72
N ASN A 35 0.94 15.81 11.33
CA ASN A 35 -0.22 16.71 11.43
C ASN A 35 -0.87 16.79 12.82
N GLY A 36 -0.30 16.08 13.79
CA GLY A 36 -0.77 16.14 15.16
C GLY A 36 -1.75 15.05 15.56
N ILE A 37 -2.23 14.26 14.60
CA ILE A 37 -3.11 13.13 14.97
C ILE A 37 -2.35 12.13 15.82
N LYS A 38 -2.98 11.69 16.92
CA LYS A 38 -2.34 10.75 17.83
C LYS A 38 -2.81 9.33 17.53
N ILE A 39 -1.87 8.41 17.38
CA ILE A 39 -2.19 7.00 17.20
C ILE A 39 -1.79 6.27 18.47
N SER A 40 -2.66 5.40 18.98
CA SER A 40 -2.43 4.95 20.34
C SER A 40 -1.45 3.79 20.49
N ASN A 41 -1.02 3.21 19.36
CA ASN A 41 0.02 2.20 19.39
C ASN A 41 0.82 2.22 18.09
N ARG A 42 1.80 1.35 17.98
CA ARG A 42 2.67 1.35 16.79
C ARG A 42 2.27 0.36 15.70
N PHE A 43 1.10 -0.27 15.84
CA PHE A 43 0.67 -1.26 14.84
C PHE A 43 -0.20 -0.70 13.72
N VAL A 44 0.09 -1.15 12.51
CA VAL A 44 -0.70 -0.81 11.34
C VAL A 44 -1.24 -2.08 10.71
N LEU A 45 -2.53 -2.13 10.45
CA LEU A 45 -3.10 -3.24 9.70
C LEU A 45 -2.83 -2.97 8.22
N SER A 46 -1.96 -3.78 7.63
CA SER A 46 -1.44 -3.59 6.27
C SER A 46 -2.44 -3.95 5.18
N PRO A 47 -2.25 -3.39 3.97
CA PRO A 47 -3.18 -3.65 2.87
C PRO A 47 -3.35 -5.13 2.60
N THR A 49 -6.07 -7.47 0.14
CA THR A 49 -7.22 -7.63 -0.72
C THR A 49 -7.88 -8.94 -0.36
N VAL A 50 -9.09 -8.80 0.19
CA VAL A 50 -9.93 -9.92 0.57
C VAL A 50 -10.53 -10.58 -0.67
N ASN A 51 -10.75 -9.79 -1.73
CA ASN A 51 -11.30 -10.32 -2.98
C ASN A 51 -12.74 -10.81 -2.79
N ALA A 52 -13.55 -9.99 -2.14
CA ALA A 52 -14.93 -10.34 -1.78
C ALA A 52 -15.93 -9.28 -2.19
N SER A 53 -15.48 -8.32 -3.02
CA SER A 53 -16.36 -7.26 -3.50
C SER A 53 -17.16 -7.73 -4.70
N THR A 54 -18.09 -6.91 -5.18
CA THR A 54 -18.84 -7.25 -6.40
C THR A 54 -17.90 -7.17 -7.59
N LYS A 55 -18.33 -7.66 -8.75
CA LYS A 55 -17.54 -7.60 -9.98
C LYS A 55 -17.18 -6.15 -10.35
N GLU A 56 -18.09 -5.22 -10.04
CA GLU A 56 -17.87 -3.78 -10.24
C GLU A 56 -17.00 -3.17 -9.17
N GLY A 57 -16.67 -3.97 -8.15
CA GLY A 57 -15.84 -3.50 -7.04
C GLY A 57 -16.60 -2.78 -5.94
N TYR A 58 -17.91 -2.99 -5.88
CA TYR A 58 -18.70 -2.41 -4.81
C TYR A 58 -18.56 -3.22 -3.54
N ILE A 59 -18.65 -2.52 -2.42
CA ILE A 59 -18.47 -3.09 -1.08
C ILE A 59 -19.66 -3.98 -0.76
N THR A 60 -19.35 -5.20 -0.33
CA THR A 60 -20.35 -6.24 -0.03
C THR A 60 -20.52 -6.43 1.48
N LYS A 61 -21.55 -7.20 1.86
CA LYS A 61 -21.74 -7.61 3.24
C LYS A 61 -20.50 -8.34 3.76
N ALA A 62 -19.93 -9.21 2.92
CA ALA A 62 -18.74 -9.98 3.30
C ALA A 62 -17.55 -9.04 3.57
N ASP A 63 -17.36 -8.05 2.70
CA ASP A 63 -16.31 -7.03 2.90
C ASP A 63 -16.47 -6.36 4.26
N LEU A 64 -17.70 -5.96 4.57
CA LEU A 64 -17.98 -5.24 5.79
C LEU A 64 -17.75 -6.11 7.02
N ALA A 65 -18.17 -7.38 6.93
CA ALA A 65 -17.99 -8.30 8.07
C ALA A 65 -16.50 -8.53 8.38
N TYR A 66 -15.71 -8.68 7.32
CA TYR A 66 -14.27 -8.85 7.48
C TYR A 66 -13.64 -7.63 8.15
N ALA A 67 -13.98 -6.43 7.67
CA ALA A 67 -13.42 -5.20 8.24
C ALA A 67 -13.90 -4.95 9.68
N ALA A 68 -15.18 -5.21 9.93
CA ALA A 68 -15.76 -5.03 11.28
C ALA A 68 -14.97 -5.81 12.33
N ARG A 69 -14.64 -7.06 12.00
CA ARG A 69 -13.90 -7.96 12.89
C ARG A 69 -12.51 -7.41 13.25
N ARG A 70 -11.96 -6.58 12.36
CA ARG A 70 -10.61 -6.03 12.49
C ARG A 70 -10.56 -4.53 12.81
N SER A 71 -11.73 -3.95 13.10
CA SER A 71 -11.80 -2.52 13.42
C SER A 71 -11.22 -2.11 14.77
N ASN A 72 -10.92 -3.09 15.64
CA ASN A 72 -10.29 -2.79 16.91
C ASN A 72 -8.90 -3.44 17.00
N SER A 73 -8.31 -3.77 15.85
CA SER A 73 -7.05 -4.56 15.80
C SER A 73 -5.76 -3.73 15.91
N ALA A 74 -5.76 -2.53 15.36
CA ALA A 74 -4.51 -1.76 15.24
C ALA A 74 -4.77 -0.25 15.38
N GLY A 75 -3.71 0.52 15.66
CA GLY A 75 -3.83 1.97 15.75
C GLY A 75 -4.30 2.59 14.44
N GLN A 77 -5.27 1.51 10.07
CA GLN A 77 -5.58 0.48 9.09
C GLN A 77 -5.44 1.04 7.71
N VAL A 78 -4.84 0.28 6.80
CA VAL A 78 -4.83 0.64 5.39
C VAL A 78 -5.57 -0.46 4.63
N THR A 79 -6.57 -0.07 3.82
CA THR A 79 -7.29 -1.04 2.97
C THR A 79 -6.41 -1.70 1.92
N GLY A 80 -6.89 -2.83 1.42
CA GLY A 80 -6.38 -3.32 0.13
C GLY A 80 -6.58 -2.30 -0.99
N ALA A 81 -5.93 -2.54 -2.11
CA ALA A 81 -5.99 -1.67 -3.29
C ALA A 81 -7.43 -1.32 -3.71
N ALA A 82 -7.68 -0.04 -3.89
CA ALA A 82 -8.93 0.46 -4.49
C ALA A 82 -8.55 1.09 -5.82
N TYR A 83 -9.04 0.54 -6.91
CA TYR A 83 -8.59 0.97 -8.24
C TYR A 83 -9.24 2.24 -8.76
N ILE A 84 -8.44 3.10 -9.39
CA ILE A 84 -8.89 4.44 -9.76
C ILE A 84 -9.51 4.55 -11.15
N GLU A 85 -9.30 3.53 -11.98
CA GLU A 85 -9.88 3.49 -13.34
C GLU A 85 -9.84 2.06 -13.87
N PRO A 86 -10.73 1.72 -14.82
CA PRO A 86 -10.83 0.33 -15.27
C PRO A 86 -9.53 -0.33 -15.77
N TYR A 87 -8.68 0.44 -16.46
CA TYR A 87 -7.44 -0.15 -16.97
C TYR A 87 -6.37 -0.38 -15.91
N GLY A 88 -6.63 0.08 -14.69
CA GLY A 88 -5.69 -0.06 -13.57
C GLY A 88 -6.05 -1.17 -12.57
N LYS A 89 -7.03 -2.00 -12.92
CA LYS A 89 -7.58 -3.00 -11.99
C LYS A 89 -6.78 -4.31 -11.98
N LEU A 90 -6.33 -4.75 -10.79
CA LEU A 90 -5.53 -5.96 -10.68
C LEU A 90 -6.41 -7.14 -10.27
N PHE A 91 -6.96 -7.05 -9.07
CA PHE A 91 -7.74 -8.15 -8.50
C PHE A 91 -9.15 -8.17 -9.06
N GLU A 92 -9.71 -9.36 -9.26
CA GLU A 92 -11.00 -9.50 -9.91
C GLU A 92 -12.12 -8.93 -9.04
N TYR A 93 -12.01 -9.12 -7.72
CA TYR A 93 -13.06 -8.68 -6.79
C TYR A 93 -12.52 -7.75 -5.71
N GLY A 94 -11.55 -6.91 -6.08
CA GLY A 94 -11.02 -5.92 -5.16
C GLY A 94 -11.89 -4.68 -5.14
N PHE A 95 -11.56 -3.73 -4.27
CA PHE A 95 -12.34 -2.49 -4.15
C PHE A 95 -12.20 -1.61 -5.38
N ASN A 96 -13.30 -0.96 -5.77
CA ASN A 96 -13.29 0.05 -6.82
CA ASN A 96 -13.24 0.06 -6.81
C ASN A 96 -13.52 1.42 -6.22
N ILE A 97 -12.85 2.46 -6.77
CA ILE A 97 -13.09 3.83 -6.35
C ILE A 97 -13.10 4.74 -7.58
N ASP A 98 -13.53 4.19 -8.72
CA ASP A 98 -13.36 4.87 -10.01
C ASP A 98 -14.60 5.62 -10.52
N HIS A 99 -15.68 5.57 -9.76
CA HIS A 99 -16.89 6.28 -10.12
C HIS A 99 -17.75 6.53 -8.90
N ASP A 100 -18.66 7.50 -9.00
CA ASP A 100 -19.42 7.96 -7.83
C ASP A 100 -20.36 6.92 -7.25
N ALA A 101 -20.77 5.94 -8.05
CA ALA A 101 -21.65 4.86 -7.55
C ALA A 101 -20.93 3.98 -6.52
N CYS A 102 -19.61 4.12 -6.42
CA CYS A 102 -18.84 3.42 -5.38
C CYS A 102 -18.99 4.06 -4.02
N ILE A 103 -19.41 5.33 -3.97
CA ILE A 103 -19.39 6.06 -2.71
C ILE A 103 -20.27 5.46 -1.60
N PRO A 104 -21.52 5.04 -1.92
CA PRO A 104 -22.35 4.51 -0.82
C PRO A 104 -21.72 3.33 -0.07
N GLY A 105 -21.16 2.38 -0.81
CA GLY A 105 -20.52 1.19 -0.23
C GLY A 105 -19.25 1.54 0.52
N LEU A 106 -18.45 2.43 -0.08
CA LEU A 106 -17.21 2.88 0.57
C LEU A 106 -17.50 3.66 1.86
N THR A 107 -18.66 4.34 1.90
CA THR A 107 -19.06 5.07 3.08
C THR A 107 -19.34 4.08 4.22
N ASN A 108 -20.07 3.01 3.92
CA ASN A 108 -20.26 1.93 4.91
C ASN A 108 -18.92 1.35 5.38
N ALA A 110 -15.81 2.80 5.45
CA ALA A 110 -15.09 3.72 6.29
C ALA A 110 -15.69 3.74 7.71
N SER A 111 -17.02 3.78 7.77
CA SER A 111 -17.69 3.80 9.06
C SER A 111 -17.37 2.53 9.88
N THR A 112 -17.43 1.39 9.23
CA THR A 112 -17.17 0.10 9.83
C THR A 112 -15.75 0.06 10.40
N LYS A 114 -13.87 2.56 11.30
CA LYS A 114 -13.57 3.63 12.26
C LYS A 114 -14.27 3.49 13.61
N GLN A 115 -15.08 2.46 13.75
CA GLN A 115 -16.03 2.39 14.89
C GLN A 115 -15.41 2.28 16.27
N HIS A 116 -14.16 1.83 16.33
CA HIS A 116 -13.43 1.78 17.60
C HIS A 116 -12.34 2.85 17.70
N GLY A 117 -12.33 3.78 16.75
CA GLY A 117 -11.38 4.89 16.76
C GLY A 117 -10.03 4.56 16.13
N SER A 118 -9.95 3.41 15.46
CA SER A 118 -8.77 3.11 14.67
C SER A 118 -8.83 3.96 13.41
N LEU A 119 -7.70 4.48 12.96
CA LEU A 119 -7.69 5.30 11.77
C LEU A 119 -7.87 4.43 10.54
N ALA A 120 -8.64 4.93 9.57
CA ALA A 120 -9.00 4.15 8.39
C ALA A 120 -8.50 4.87 7.13
N ILE A 121 -7.50 4.27 6.48
CA ILE A 121 -6.86 4.86 5.31
C ILE A 121 -7.17 3.99 4.10
N ILE A 122 -7.66 4.59 3.01
CA ILE A 122 -7.95 3.78 1.81
C ILE A 122 -6.79 3.91 0.81
N GLN A 123 -6.29 2.77 0.34
CA GLN A 123 -5.17 2.76 -0.61
C GLN A 123 -5.68 2.97 -2.04
N LEU A 124 -5.18 4.00 -2.74
CA LEU A 124 -5.58 4.25 -4.12
C LEU A 124 -4.54 3.62 -5.03
N ALA A 125 -5.01 2.83 -5.99
CA ALA A 125 -4.10 1.99 -6.79
C ALA A 125 -4.36 2.08 -8.28
N HIS A 126 -3.27 2.00 -9.05
CA HIS A 126 -3.33 1.77 -10.48
C HIS A 126 -2.18 0.83 -10.80
N ALA A 127 -2.48 -0.37 -11.29
CA ALA A 127 -1.42 -1.39 -11.45
C ALA A 127 -0.68 -1.35 -12.79
N GLY A 128 -0.97 -0.33 -13.61
CA GLY A 128 -0.25 -0.18 -14.88
C GLY A 128 -0.34 -1.46 -15.70
N ARG A 129 0.79 -1.94 -16.22
CA ARG A 129 0.73 -3.16 -17.06
C ARG A 129 0.42 -4.45 -16.29
N PHE A 130 0.48 -4.37 -14.96
CA PHE A 130 0.23 -5.52 -14.10
C PHE A 130 -1.22 -5.62 -13.68
N SER A 131 -2.08 -4.85 -14.35
CA SER A 131 -3.50 -4.80 -14.05
C SER A 131 -4.17 -6.03 -14.65
N ASN A 132 -4.05 -7.15 -13.93
CA ASN A 132 -4.43 -8.47 -14.46
C ASN A 132 -5.88 -8.49 -14.95
N GLN A 133 -6.79 -7.91 -14.17
CA GLN A 133 -8.21 -7.96 -14.58
C GLN A 133 -8.44 -7.14 -15.86
N ALA A 134 -7.73 -6.02 -15.99
CA ALA A 134 -7.84 -5.20 -17.19
C ALA A 134 -7.30 -5.95 -18.42
N ILE A 135 -6.24 -6.73 -18.23
CA ILE A 135 -5.72 -7.57 -19.31
C ILE A 135 -6.80 -8.52 -19.79
N LEU A 136 -7.46 -9.18 -18.85
CA LEU A 136 -8.54 -10.13 -19.18
C LEU A 136 -9.76 -9.43 -19.80
N ASN A 137 -10.13 -8.27 -19.26
CA ASN A 137 -11.31 -7.53 -19.73
C ASN A 137 -11.15 -6.91 -21.12
N PHE A 138 -9.94 -6.46 -21.46
CA PHE A 138 -9.76 -5.54 -22.58
C PHE A 138 -8.70 -6.00 -23.57
N GLY A 139 -7.83 -6.92 -23.16
CA GLY A 139 -6.72 -7.40 -23.98
C GLY A 139 -5.63 -6.35 -24.13
N LYS A 140 -5.70 -5.30 -23.32
CA LYS A 140 -4.75 -4.21 -23.40
C LYS A 140 -4.65 -3.50 -22.06
N VAL A 141 -3.44 -3.05 -21.75
CA VAL A 141 -3.18 -2.25 -20.56
C VAL A 141 -2.20 -1.15 -20.94
N TYR A 142 -1.89 -0.30 -19.97
CA TYR A 142 -1.07 0.89 -20.22
C TYR A 142 0.16 0.88 -19.35
N GLY A 143 1.22 1.47 -19.90
CA GLY A 143 2.46 1.58 -19.15
C GLY A 143 3.28 2.69 -19.78
N PRO A 144 4.51 2.87 -19.29
CA PRO A 144 5.32 3.92 -19.89
C PRO A 144 5.74 3.60 -21.32
N SER A 145 5.96 2.32 -21.60
CA SER A 145 6.62 1.89 -22.84
C SER A 145 5.85 0.69 -23.43
N PRO A 146 5.87 0.57 -24.76
CA PRO A 146 5.05 -0.44 -25.41
C PRO A 146 5.64 -1.82 -25.31
N THR A 148 4.54 -6.22 -26.40
CA THR A 148 3.60 -7.28 -26.77
C THR A 148 3.94 -8.52 -25.93
N LEU A 149 2.93 -9.06 -25.26
CA LEU A 149 3.13 -10.12 -24.29
C LEU A 149 2.15 -11.27 -24.48
N HIS A 150 2.48 -12.42 -23.91
CA HIS A 150 1.71 -13.67 -24.12
C HIS A 150 1.04 -14.22 -22.86
N SER A 151 1.55 -13.83 -21.69
CA SER A 151 1.01 -14.26 -20.39
C SER A 151 0.39 -13.08 -19.65
N PRO A 152 -0.79 -13.28 -19.00
CA PRO A 152 -1.61 -14.50 -18.92
C PRO A 152 -2.37 -14.85 -20.19
N ILE A 153 -2.65 -13.86 -21.03
CA ILE A 153 -3.20 -14.05 -22.38
C ILE A 153 -2.41 -13.18 -23.35
N GLU A 154 -2.69 -13.30 -24.64
CA GLU A 154 -2.12 -12.35 -25.61
C GLU A 154 -2.65 -10.95 -25.31
N HIS A 155 -1.74 -10.02 -25.04
CA HIS A 155 -2.15 -8.62 -24.83
C HIS A 155 -1.08 -7.65 -25.27
N VAL A 156 -1.47 -6.39 -25.41
CA VAL A 156 -0.50 -5.33 -25.68
C VAL A 156 -0.45 -4.38 -24.50
N VAL A 157 0.75 -3.87 -24.25
CA VAL A 157 0.94 -2.77 -23.30
C VAL A 157 1.10 -1.52 -24.15
N ILE A 158 0.18 -0.58 -23.97
CA ILE A 158 0.15 0.67 -24.75
C ILE A 158 0.91 1.77 -23.99
N ALA A 159 1.83 2.44 -24.68
CA ALA A 159 2.53 3.57 -24.06
C ALA A 159 1.55 4.70 -23.80
N SER A 161 0.03 8.19 -23.65
CA SER A 161 0.17 9.52 -24.15
C SER A 161 0.12 10.52 -23.00
N HIS A 162 0.53 11.75 -23.28
CA HIS A 162 0.40 12.83 -22.32
C HIS A 162 -1.07 13.08 -21.94
N GLU A 163 -1.99 12.93 -22.90
CA GLU A 163 -3.44 13.02 -22.58
C GLU A 163 -3.88 11.92 -21.61
N LYS A 164 -3.37 10.71 -21.82
CA LYS A 164 -3.69 9.58 -20.94
C LYS A 164 -3.11 9.84 -19.55
N ILE A 165 -1.85 10.30 -19.51
CA ILE A 165 -1.24 10.63 -18.22
C ILE A 165 -2.07 11.68 -17.49
N ASN A 166 -2.49 12.73 -18.19
CA ASN A 166 -3.32 13.75 -17.54
C ASN A 166 -4.63 13.18 -17.01
N SER A 167 -5.19 12.23 -17.75
CA SER A 167 -6.45 11.62 -17.32
C SER A 167 -6.24 10.77 -16.07
N ILE A 168 -5.09 10.09 -15.99
CA ILE A 168 -4.72 9.31 -14.79
C ILE A 168 -4.57 10.23 -13.59
N ILE A 169 -3.91 11.35 -13.78
CA ILE A 169 -3.76 12.33 -12.70
C ILE A 169 -5.16 12.77 -12.22
N GLN A 170 -6.05 13.06 -13.18
CA GLN A 170 -7.41 13.46 -12.84
C GLN A 170 -8.14 12.33 -12.10
N GLN A 171 -7.89 11.10 -12.50
CA GLN A 171 -8.50 9.95 -11.83
C GLN A 171 -8.00 9.80 -10.39
N TYR A 172 -6.73 10.10 -10.15
CA TYR A 172 -6.26 10.16 -8.76
C TYR A 172 -6.93 11.28 -7.99
N ARG A 173 -7.14 12.44 -8.61
CA ARG A 173 -7.89 13.52 -7.97
C ARG A 173 -9.31 13.08 -7.64
N ASP A 174 -9.98 12.46 -8.62
CA ASP A 174 -11.36 12.00 -8.46
C ASP A 174 -11.46 10.96 -7.35
N ALA A 175 -10.52 10.02 -7.32
CA ALA A 175 -10.59 8.94 -6.33
C ALA A 175 -10.36 9.48 -4.92
N THR A 176 -9.46 10.45 -4.81
CA THR A 176 -9.17 11.10 -3.54
C THR A 176 -10.45 11.76 -3.01
N LEU A 177 -11.17 12.46 -3.88
CA LEU A 177 -12.42 13.11 -3.47
C LEU A 177 -13.48 12.09 -3.03
N ARG A 178 -13.57 10.97 -3.73
CA ARG A 178 -14.50 9.90 -3.31
C ARG A 178 -14.15 9.34 -1.95
N ALA A 179 -12.86 9.11 -1.70
CA ALA A 179 -12.42 8.65 -0.37
C ALA A 179 -12.80 9.65 0.73
N ILE A 180 -12.66 10.94 0.43
CA ILE A 180 -12.97 12.02 1.35
C ILE A 180 -14.47 11.98 1.65
N LYS A 181 -15.27 11.90 0.60
CA LYS A 181 -16.75 11.88 0.73
C LYS A 181 -17.23 10.66 1.51
N ALA A 182 -16.52 9.54 1.38
CA ALA A 182 -16.87 8.30 2.09
C ALA A 182 -16.54 8.33 3.58
N GLY A 183 -15.79 9.34 4.01
CA GLY A 183 -15.50 9.54 5.42
C GLY A 183 -14.31 8.76 5.92
N PHE A 184 -13.42 8.33 5.01
CA PHE A 184 -12.13 7.82 5.47
C PHE A 184 -11.29 8.89 6.18
N ASP A 185 -10.33 8.43 6.97
CA ASP A 185 -9.43 9.34 7.67
C ASP A 185 -8.26 9.80 6.78
N GLY A 186 -8.11 9.12 5.64
CA GLY A 186 -7.01 9.45 4.76
C GLY A 186 -7.00 8.56 3.52
N VAL A 187 -6.07 8.87 2.60
CA VAL A 187 -5.79 8.02 1.47
C VAL A 187 -4.31 7.68 1.48
N GLU A 188 -3.97 6.55 0.89
CA GLU A 188 -2.57 6.19 0.72
C GLU A 188 -2.33 6.04 -0.76
N ILE A 189 -1.32 6.74 -1.27
CA ILE A 189 -0.94 6.54 -2.67
C ILE A 189 0.18 5.49 -2.66
N SER A 190 -0.05 4.34 -3.27
CA SER A 190 1.03 3.36 -3.37
C SER A 190 1.76 3.50 -4.69
N ILE A 191 3.10 3.51 -4.60
CA ILE A 191 3.94 3.52 -5.81
C ILE A 191 4.90 2.33 -5.74
N ALA A 192 4.48 1.30 -5.00
CA ALA A 192 5.30 0.09 -4.79
C ALA A 192 5.47 -0.70 -6.09
N GLN A 193 6.34 -1.71 -6.02
CA GLN A 193 6.60 -2.60 -7.13
C GLN A 193 5.28 -3.05 -7.75
N ARG A 194 5.19 -2.99 -9.08
CA ARG A 194 4.00 -3.37 -9.84
C ARG A 194 2.83 -2.37 -9.83
N LEU A 195 3.13 -1.14 -9.42
CA LEU A 195 2.19 -0.05 -9.58
C LEU A 195 2.63 0.79 -10.76
N LEU A 196 1.67 1.39 -11.46
CA LEU A 196 1.95 2.23 -12.62
C LEU A 196 3.06 3.25 -12.35
N ILE A 197 2.91 3.98 -11.25
CA ILE A 197 3.90 5.02 -10.95
C ILE A 197 5.32 4.47 -10.81
N GLN A 198 5.47 3.29 -10.20
CA GLN A 198 6.77 2.65 -10.05
C GLN A 198 7.37 2.35 -11.42
N THR A 199 6.52 1.93 -12.36
CA THR A 199 7.02 1.53 -13.67
C THR A 199 7.58 2.73 -14.46
N PHE A 200 7.11 3.94 -14.16
CA PHE A 200 7.74 5.17 -14.70
C PHE A 200 9.06 5.52 -14.01
N PHE A 201 9.18 5.18 -12.72
CA PHE A 201 10.39 5.55 -12.01
C PHE A 201 11.56 4.62 -12.37
N SER A 202 11.24 3.38 -12.73
CA SER A 202 12.23 2.36 -13.03
C SER A 202 12.81 2.48 -14.44
N THR A 203 14.13 2.39 -14.54
CA THR A 203 14.77 2.36 -15.87
C THR A 203 14.68 1.00 -16.55
N PHE A 204 14.25 -0.03 -15.83
CA PHE A 204 13.96 -1.33 -16.47
C PHE A 204 12.75 -1.21 -17.40
N SER A 205 11.68 -0.54 -16.94
CA SER A 205 10.40 -0.50 -17.63
C SER A 205 10.20 0.80 -18.42
N ASN A 206 10.80 1.89 -17.95
CA ASN A 206 10.59 3.19 -18.61
C ASN A 206 11.70 3.41 -19.64
N ARG A 207 11.34 3.25 -20.92
CA ARG A 207 12.24 3.50 -22.04
C ARG A 207 11.88 4.76 -22.82
N ARG A 208 11.05 5.63 -22.24
CA ARG A 208 10.55 6.82 -22.95
C ARG A 208 11.62 7.85 -23.17
N THR A 209 11.42 8.66 -24.21
CA THR A 209 12.33 9.74 -24.57
C THR A 209 11.69 11.12 -24.44
N ASP A 210 10.50 11.17 -23.85
CA ASP A 210 9.86 12.46 -23.55
C ASP A 210 10.14 12.95 -22.12
N HIS A 211 9.40 13.96 -21.68
CA HIS A 211 9.61 14.53 -20.35
C HIS A 211 9.20 13.61 -19.18
N TYR A 212 8.58 12.48 -19.50
CA TYR A 212 8.32 11.42 -18.51
C TYR A 212 9.30 10.27 -18.66
N GLY A 213 10.39 10.50 -19.38
CA GLY A 213 11.32 9.45 -19.76
C GLY A 213 12.50 9.17 -18.87
N ALA A 214 13.37 8.30 -19.38
CA ALA A 214 14.48 7.72 -18.61
C ALA A 214 15.71 8.63 -18.52
N ASP A 215 15.69 9.75 -19.24
CA ASP A 215 16.86 10.65 -19.40
C ASP A 215 17.34 11.31 -18.12
N SER A 216 16.46 11.45 -17.13
CA SER A 216 16.83 12.16 -15.93
C SER A 216 15.97 11.65 -14.81
N LEU A 217 16.49 11.82 -13.61
CA LEU A 217 15.74 11.40 -12.43
C LEU A 217 14.47 12.23 -12.27
N LYS A 218 14.52 13.52 -12.58
CA LYS A 218 13.34 14.38 -12.56
C LYS A 218 12.27 13.88 -13.53
N ASN A 219 12.69 13.46 -14.72
CA ASN A 219 11.73 12.95 -15.70
C ASN A 219 11.07 11.65 -15.24
N ARG A 220 11.86 10.77 -14.65
CA ARG A 220 11.35 9.50 -14.12
C ARG A 220 10.41 9.73 -12.91
N ALA A 221 10.70 10.76 -12.12
CA ALA A 221 9.89 11.09 -10.94
C ALA A 221 8.64 11.86 -11.31
N ARG A 222 8.58 12.38 -12.54
CA ARG A 222 7.57 13.39 -12.89
C ARG A 222 6.14 12.90 -12.63
N LEU A 223 5.82 11.69 -13.09
CA LEU A 223 4.46 11.16 -12.88
C LEU A 223 4.12 11.08 -11.38
N CYS A 224 5.04 10.51 -10.59
CA CYS A 224 4.84 10.44 -9.16
C CYS A 224 4.57 11.83 -8.57
N LEU A 225 5.42 12.81 -8.90
CA LEU A 225 5.30 14.13 -8.31
C LEU A 225 4.03 14.86 -8.74
N GLU A 226 3.62 14.68 -10.00
CA GLU A 226 2.38 15.30 -10.48
C GLU A 226 1.17 14.70 -9.76
N VAL A 227 1.18 13.38 -9.54
CA VAL A 227 0.11 12.73 -8.79
C VAL A 227 0.05 13.23 -7.35
N ARG A 229 1.24 15.96 -5.97
CA ARG A 229 0.79 17.36 -5.91
C ARG A 229 -0.71 17.46 -6.17
N ALA A 230 -1.22 16.73 -7.16
CA ALA A 230 -2.64 16.81 -7.49
C ALA A 230 -3.49 16.32 -6.32
N VAL A 231 -3.09 15.22 -5.71
CA VAL A 231 -3.81 14.65 -4.58
C VAL A 231 -3.80 15.61 -3.38
N GLN A 232 -2.65 16.21 -3.11
CA GLN A 232 -2.50 17.20 -2.03
C GLN A 232 -3.46 18.35 -2.25
N GLU A 233 -3.56 18.81 -3.49
CA GLU A 233 -4.42 19.96 -3.82
C GLU A 233 -5.88 19.64 -3.55
N VAL A 234 -6.29 18.42 -3.90
CA VAL A 234 -7.66 17.98 -3.61
C VAL A 234 -7.92 17.95 -2.11
N ILE A 235 -6.98 17.40 -1.37
CA ILE A 235 -7.12 17.33 0.09
C ILE A 235 -7.26 18.75 0.67
N ASP A 236 -6.40 19.67 0.23
CA ASP A 236 -6.42 21.07 0.70
C ASP A 236 -7.79 21.72 0.49
N LYS A 237 -8.42 21.43 -0.64
CA LYS A 237 -9.70 22.06 -1.00
C LYS A 237 -10.92 21.35 -0.45
N GLU A 238 -10.82 20.02 -0.24
CA GLU A 238 -12.02 19.22 -0.04
C GLU A 238 -12.13 18.44 1.26
N ALA A 239 -11.00 18.19 1.94
CA ALA A 239 -11.00 17.20 3.02
C ALA A 239 -11.34 17.81 4.37
N PRO A 240 -11.90 17.00 5.29
CA PRO A 240 -11.96 17.41 6.69
C PRO A 240 -10.58 17.71 7.25
N ASP A 241 -10.56 18.43 8.38
CA ASP A 241 -9.32 18.73 9.10
C ASP A 241 -8.46 17.47 9.27
N ASN A 242 -7.18 17.63 8.97
CA ASN A 242 -6.15 16.61 9.24
C ASN A 242 -6.33 15.28 8.53
N PHE A 243 -7.04 15.32 7.41
CA PHE A 243 -7.16 14.15 6.54
C PHE A 243 -5.73 13.73 6.16
N ILE A 244 -5.46 12.43 6.22
CA ILE A 244 -4.10 11.90 6.14
C ILE A 244 -3.73 11.52 4.70
N LEU A 245 -2.56 11.96 4.26
CA LEU A 245 -2.00 11.50 2.98
C LEU A 245 -0.87 10.53 3.29
N GLY A 246 -1.06 9.26 2.96
CA GLY A 246 -0.01 8.26 3.15
C GLY A 246 0.68 7.92 1.85
N PHE A 247 1.83 7.27 1.99
CA PHE A 247 2.66 6.95 0.83
C PHE A 247 3.31 5.60 1.09
N ARG A 248 3.26 4.72 0.08
CA ARG A 248 3.85 3.39 0.20
C ARG A 248 4.75 3.16 -1.00
N ALA A 249 5.90 2.56 -0.78
CA ALA A 249 6.90 2.46 -1.83
C ALA A 249 7.86 1.30 -1.59
N THR A 250 8.51 0.87 -2.67
CA THR A 250 9.55 -0.16 -2.63
C THR A 250 10.88 0.56 -2.83
N PRO A 251 11.75 0.58 -1.81
CA PRO A 251 12.91 1.50 -1.90
C PRO A 251 13.95 1.26 -2.98
N GLU A 252 14.04 0.05 -3.52
CA GLU A 252 14.92 -0.16 -4.68
C GLU A 252 14.39 -1.29 -5.55
N GLU A 253 14.84 -1.30 -6.80
CA GLU A 253 14.42 -2.34 -7.71
C GLU A 253 15.65 -3.01 -8.31
N THR A 254 15.73 -4.34 -8.14
CA THR A 254 16.88 -5.11 -8.61
C THR A 254 16.43 -6.23 -9.54
N ARG A 255 17.33 -6.62 -10.43
CA ARG A 255 17.19 -7.85 -11.21
C ARG A 255 18.63 -8.35 -11.42
N GLY A 256 18.95 -9.47 -10.78
CA GLY A 256 20.32 -9.93 -10.69
C GLY A 256 21.21 -8.86 -10.10
N SER A 257 22.24 -8.47 -10.85
CA SER A 257 23.16 -7.42 -10.39
C SER A 257 22.93 -6.07 -11.12
N ASP A 258 21.72 -5.89 -11.67
CA ASP A 258 21.33 -4.60 -12.20
C ASP A 258 20.28 -4.01 -11.31
N LEU A 259 20.23 -2.67 -11.29
CA LEU A 259 19.18 -1.95 -10.59
C LEU A 259 18.33 -1.13 -11.56
N GLY A 260 17.02 -1.18 -11.35
CA GLY A 260 16.07 -0.35 -12.11
C GLY A 260 15.98 1.04 -11.51
N TYR A 261 16.18 1.10 -10.18
CA TYR A 261 16.46 2.37 -9.52
C TYR A 261 17.19 2.09 -8.24
N THR A 262 18.07 3.01 -7.83
CA THR A 262 18.87 2.80 -6.62
C THR A 262 18.15 3.34 -5.40
N ILE A 263 18.64 2.97 -4.22
CA ILE A 263 18.03 3.47 -3.00
C ILE A 263 18.31 4.96 -2.81
N ASP A 264 19.40 5.47 -3.42
CA ASP A 264 19.67 6.90 -3.38
C ASP A 264 18.70 7.67 -4.26
N GLU A 265 18.37 7.10 -5.42
CA GLU A 265 17.34 7.67 -6.26
C GLU A 265 15.99 7.69 -5.55
N PHE A 266 15.66 6.59 -4.88
CA PHE A 266 14.42 6.54 -4.10
C PHE A 266 14.43 7.63 -3.01
N ASN A 267 15.54 7.74 -2.30
CA ASN A 267 15.64 8.76 -1.25
C ASN A 267 15.43 10.16 -1.79
N GLN A 268 15.96 10.43 -2.99
CA GLN A 268 15.73 11.72 -3.64
C GLN A 268 14.27 11.89 -4.01
N LEU A 269 13.65 10.82 -4.51
CA LEU A 269 12.22 10.84 -4.82
C LEU A 269 11.38 11.21 -3.60
N ILE A 270 11.66 10.61 -2.45
CA ILE A 270 10.83 10.90 -1.28
C ILE A 270 11.04 12.34 -0.80
N ASP A 271 12.26 12.85 -0.91
CA ASP A 271 12.51 14.27 -0.63
C ASP A 271 11.64 15.16 -1.53
N TRP A 272 11.58 14.84 -2.83
CA TRP A 272 10.75 15.61 -3.75
C TRP A 272 9.25 15.50 -3.47
N VAL A 273 8.78 14.29 -3.11
CA VAL A 273 7.39 14.07 -2.69
C VAL A 273 7.06 14.97 -1.49
N ASP A 275 8.42 17.77 -0.80
CA ASP A 275 8.39 19.15 -1.28
C ASP A 275 7.05 19.55 -1.90
N VAL A 276 6.29 18.58 -2.41
CA VAL A 276 5.06 18.89 -3.14
C VAL A 276 3.78 18.43 -2.41
N SER A 277 3.96 17.70 -1.32
CA SER A 277 2.80 17.11 -0.64
C SER A 277 3.13 16.83 0.82
N ASN A 278 2.09 16.87 1.64
CA ASN A 278 2.21 16.76 3.08
C ASN A 278 2.06 15.31 3.51
N ILE A 279 2.92 14.42 2.99
CA ILE A 279 2.78 13.01 3.36
C ILE A 279 2.99 12.81 4.86
N GLN A 280 2.23 11.89 5.44
CA GLN A 280 2.21 11.70 6.89
C GLN A 280 3.01 10.52 7.37
N TYR A 281 3.31 9.61 6.45
CA TYR A 281 4.10 8.43 6.72
C TYR A 281 4.65 7.85 5.42
N LEU A 282 5.70 7.05 5.55
CA LEU A 282 6.16 6.17 4.47
C LEU A 282 6.02 4.74 4.93
N ALA A 283 5.27 3.96 4.16
CA ALA A 283 5.19 2.51 4.39
C ALA A 283 6.11 1.85 3.40
N ILE A 284 7.03 1.04 3.89
CA ILE A 284 7.92 0.30 3.00
C ILE A 284 7.28 -1.03 2.58
N ALA A 285 7.34 -1.32 1.27
CA ALA A 285 6.88 -2.59 0.73
C ALA A 285 8.11 -3.38 0.27
N SER A 286 8.07 -4.71 0.45
CA SER A 286 9.15 -5.57 -0.07
C SER A 286 8.59 -6.90 -0.59
N TRP A 287 7.75 -6.82 -1.61
CA TRP A 287 6.99 -8.01 -2.07
C TRP A 287 7.92 -9.16 -2.31
N GLY A 288 7.61 -10.29 -1.65
CA GLY A 288 8.37 -11.50 -1.82
C GLY A 288 9.66 -11.56 -1.03
N ARG A 289 9.90 -10.56 -0.18
CA ARG A 289 11.09 -10.55 0.68
C ARG A 289 10.74 -10.35 2.15
N HIS A 290 11.38 -11.14 3.00
CA HIS A 290 11.20 -10.99 4.45
C HIS A 290 12.06 -9.84 4.94
N ILE A 291 11.53 -9.11 5.91
CA ILE A 291 12.25 -7.98 6.50
C ILE A 291 13.68 -8.31 6.94
N TYR A 292 13.88 -9.52 7.46
CA TYR A 292 15.19 -9.87 7.97
C TYR A 292 16.20 -10.07 6.86
N GLN A 293 15.72 -10.23 5.64
CA GLN A 293 16.61 -10.55 4.52
C GLN A 293 16.49 -9.50 3.43
N ASN A 294 16.01 -8.31 3.78
CA ASN A 294 15.82 -7.28 2.76
C ASN A 294 16.96 -6.24 2.80
N THR A 295 18.07 -6.59 2.16
CA THR A 295 19.25 -5.73 2.15
C THR A 295 19.46 -5.05 0.81
N SER A 296 20.12 -3.89 0.84
CA SER A 296 20.33 -3.10 -0.37
C SER A 296 21.40 -3.68 -1.29
N ARG A 297 21.16 -3.55 -2.58
CA ARG A 297 22.15 -3.87 -3.61
C ARG A 297 22.70 -2.61 -4.30
N THR A 298 22.43 -1.44 -3.73
CA THR A 298 23.00 -0.21 -4.28
C THR A 298 24.49 -0.15 -3.94
N PRO A 299 25.35 -0.03 -4.95
CA PRO A 299 26.80 -0.01 -4.71
C PRO A 299 27.25 1.15 -3.83
N GLY A 300 28.27 0.91 -3.01
CA GLY A 300 28.80 1.93 -2.10
C GLY A 300 28.52 1.58 -0.65
N ASP A 301 28.50 2.59 0.21
CA ASP A 301 28.25 2.43 1.65
C ASP A 301 26.92 1.71 1.97
N HIS A 302 25.92 1.85 1.11
CA HIS A 302 24.63 1.21 1.35
C HIS A 302 24.66 -0.28 1.14
N PHE A 303 25.62 -0.75 0.36
CA PHE A 303 25.55 -2.12 -0.13
C PHE A 303 25.52 -3.13 1.00
N GLY A 304 24.49 -3.98 1.02
CA GLY A 304 24.36 -5.03 2.02
C GLY A 304 23.74 -4.61 3.34
N ARG A 305 23.48 -3.31 3.50
CA ARG A 305 22.78 -2.81 4.70
C ARG A 305 21.28 -3.02 4.57
N PRO A 306 20.56 -3.12 5.69
CA PRO A 306 19.10 -3.31 5.59
C PRO A 306 18.43 -2.12 4.91
N VAL A 307 17.52 -2.41 3.99
CA VAL A 307 16.81 -1.35 3.30
C VAL A 307 16.13 -0.39 4.30
N ASN A 308 15.51 -0.94 5.35
CA ASN A 308 14.80 -0.10 6.29
C ASN A 308 15.74 0.84 7.01
N GLN A 309 16.93 0.35 7.32
CA GLN A 309 17.95 1.19 7.96
C GLN A 309 18.32 2.39 7.10
N ILE A 310 18.57 2.15 5.81
CA ILE A 310 18.97 3.20 4.90
C ILE A 310 17.87 4.25 4.76
N VAL A 311 16.63 3.79 4.63
CA VAL A 311 15.50 4.70 4.48
C VAL A 311 15.25 5.46 5.79
N TYR A 312 15.28 4.75 6.91
CA TYR A 312 15.04 5.37 8.24
C TYR A 312 16.07 6.49 8.49
N GLU A 313 17.32 6.21 8.13
CA GLU A 313 18.38 7.24 8.24
C GLU A 313 18.05 8.46 7.39
N HIS A 314 17.66 8.24 6.14
CA HIS A 314 17.32 9.34 5.29
C HIS A 314 16.12 10.15 5.74
N LEU A 315 15.09 9.48 6.27
CA LEU A 315 13.90 10.19 6.73
C LEU A 315 14.24 11.18 7.85
N ALA A 316 15.21 10.79 8.69
CA ALA A 316 15.72 11.68 9.75
C ALA A 316 14.58 12.25 10.59
N GLY A 317 13.61 11.40 10.92
CA GLY A 317 12.49 11.76 11.78
C GLY A 317 11.45 12.72 11.20
N ARG A 318 11.53 13.00 9.90
CA ARG A 318 10.58 13.93 9.28
C ARG A 318 9.17 13.37 9.24
N ILE A 319 9.06 12.08 8.98
CA ILE A 319 7.79 11.37 8.99
C ILE A 319 8.04 9.97 9.53
N PRO A 320 7.00 9.33 10.11
CA PRO A 320 7.19 7.97 10.59
C PRO A 320 7.36 6.97 9.44
N LEU A 321 8.19 5.96 9.69
CA LEU A 321 8.40 4.86 8.79
C LEU A 321 7.62 3.65 9.31
N ILE A 322 6.84 3.03 8.43
CA ILE A 322 6.11 1.81 8.78
C ILE A 322 6.83 0.64 8.12
N ALA A 323 7.37 -0.25 8.94
CA ALA A 323 8.08 -1.44 8.48
C ALA A 323 7.10 -2.56 8.16
N SER A 324 7.45 -3.45 7.22
CA SER A 324 6.62 -4.60 6.91
C SER A 324 7.53 -5.66 6.28
N GLY A 325 6.96 -6.84 6.05
CA GLY A 325 7.68 -7.90 5.33
C GLY A 325 7.73 -9.14 6.19
N GLY A 326 6.56 -9.75 6.39
CA GLY A 326 6.51 -11.01 7.12
C GLY A 326 6.57 -10.87 8.63
N ILE A 327 6.37 -9.66 9.14
CA ILE A 327 6.33 -9.44 10.59
C ILE A 327 5.10 -10.18 11.12
N ASN A 328 5.30 -11.04 12.13
CA ASN A 328 4.24 -12.00 12.50
C ASN A 328 4.24 -12.40 13.96
N SER A 329 4.96 -11.67 14.78
CA SER A 329 5.18 -12.09 16.17
C SER A 329 5.58 -10.91 17.03
N PRO A 330 5.40 -11.02 18.35
CA PRO A 330 5.90 -9.99 19.25
C PRO A 330 7.37 -9.67 19.00
N GLU A 331 8.19 -10.70 18.84
CA GLU A 331 9.61 -10.47 18.62
C GLU A 331 9.98 -9.86 17.28
N SER A 332 9.32 -10.28 16.20
CA SER A 332 9.61 -9.69 14.89
C SER A 332 9.08 -8.24 14.86
N ALA A 333 7.92 -7.99 15.48
CA ALA A 333 7.43 -6.61 15.61
C ALA A 333 8.42 -5.71 16.38
N LEU A 334 8.92 -6.21 17.51
CA LEU A 334 9.84 -5.45 18.31
C LEU A 334 11.14 -5.17 17.54
N ASP A 335 11.66 -6.17 16.85
CA ASP A 335 12.91 -6.01 16.14
C ASP A 335 12.76 -4.98 15.02
N ALA A 336 11.59 -4.94 14.40
CA ALA A 336 11.36 -4.01 13.29
C ALA A 336 11.48 -2.56 13.77
N LEU A 337 11.14 -2.32 15.04
CA LEU A 337 11.28 -0.99 15.60
C LEU A 337 12.72 -0.49 15.67
N GLN A 338 13.70 -1.36 15.41
CA GLN A 338 15.08 -0.91 15.35
C GLN A 338 15.34 0.07 14.21
N HIS A 339 14.54 -0.02 13.15
CA HIS A 339 14.74 0.86 11.99
C HIS A 339 13.41 1.39 11.47
N ALA A 340 12.45 1.61 12.37
CA ALA A 340 11.10 2.07 12.00
C ALA A 340 10.40 2.62 13.22
N ASP A 341 9.30 3.33 12.98
CA ASP A 341 8.48 3.91 14.05
C ASP A 341 7.22 3.11 14.28
N VAL A 343 4.89 -0.63 12.82
CA VAL A 343 5.02 -1.95 12.21
C VAL A 343 3.71 -2.34 11.57
N GLY A 344 3.77 -2.72 10.29
CA GLY A 344 2.60 -3.23 9.60
C GLY A 344 2.63 -4.73 9.50
N SER A 346 0.29 -8.01 7.70
CA SER A 346 -0.76 -8.37 6.74
C SER A 346 -1.47 -9.66 7.20
N SER A 347 -0.95 -10.82 6.82
CA SER A 347 -1.59 -12.11 7.16
C SER A 347 -1.79 -12.43 8.66
N PRO A 348 -0.93 -11.93 9.57
CA PRO A 348 -1.23 -12.17 10.99
C PRO A 348 -2.58 -11.64 11.45
N PHE A 349 -3.04 -10.56 10.83
CA PHE A 349 -4.33 -9.98 11.22
C PHE A 349 -5.51 -10.75 10.63
N VAL A 350 -5.25 -11.59 9.64
CA VAL A 350 -6.26 -12.44 9.04
C VAL A 350 -6.68 -13.53 10.03
N THR A 351 -5.68 -14.19 10.62
CA THR A 351 -5.93 -15.33 11.50
C THR A 351 -5.89 -14.96 13.00
N GLU A 352 -5.25 -13.83 13.30
CA GLU A 352 -5.15 -13.37 14.68
C GLU A 352 -5.48 -11.86 14.79
N PRO A 353 -6.75 -11.49 14.53
CA PRO A 353 -7.14 -10.08 14.58
C PRO A 353 -6.96 -9.39 15.94
N ASP A 354 -6.85 -10.18 17.02
CA ASP A 354 -6.68 -9.64 18.36
C ASP A 354 -5.23 -9.63 18.87
N PHE A 355 -4.29 -9.87 17.96
CA PHE A 355 -2.84 -9.82 18.23
C PHE A 355 -2.44 -8.71 19.21
N VAL A 356 -2.85 -7.47 18.93
CA VAL A 356 -2.34 -6.32 19.68
C VAL A 356 -2.95 -6.21 21.07
N HIS A 357 -4.18 -6.69 21.21
CA HIS A 357 -4.81 -6.75 22.53
C HIS A 357 -4.08 -7.73 23.44
N LYS A 358 -3.77 -8.92 22.92
CA LYS A 358 -2.99 -9.92 23.65
C LYS A 358 -1.64 -9.35 24.07
N LEU A 359 -1.02 -8.57 23.19
CA LEU A 359 0.25 -7.92 23.51
C LEU A 359 0.10 -6.83 24.58
N ALA A 360 -0.92 -5.98 24.44
CA ALA A 360 -1.20 -4.90 25.40
C ALA A 360 -1.51 -5.44 26.78
N GLU A 361 -2.19 -6.58 26.83
CA GLU A 361 -2.59 -7.20 28.09
C GLU A 361 -1.46 -8.04 28.69
N GLN A 362 -0.28 -7.95 28.08
CA GLN A 362 0.91 -8.69 28.53
C GLN A 362 0.69 -10.21 28.49
N ARG A 363 0.02 -10.67 27.43
CA ARG A 363 -0.20 -12.09 27.18
C ARG A 363 0.37 -12.52 25.82
N PRO A 364 1.65 -12.19 25.54
CA PRO A 364 2.19 -12.50 24.21
C PRO A 364 2.14 -13.99 23.84
N HIS A 365 2.18 -14.89 24.83
CA HIS A 365 2.09 -16.34 24.56
C HIS A 365 0.75 -16.79 23.94
N ASP A 366 -0.30 -16.00 24.14
CA ASP A 366 -1.64 -16.32 23.65
C ASP A 366 -1.86 -16.08 22.15
N ILE A 367 -0.93 -15.34 21.54
CA ILE A 367 -1.01 -15.08 20.11
C ILE A 367 -0.88 -16.38 19.34
N ASN A 368 -1.88 -16.64 18.49
CA ASN A 368 -1.89 -17.83 17.68
C ASN A 368 -2.33 -17.57 16.24
N LEU A 369 -1.42 -17.88 15.31
CA LEU A 369 -1.63 -17.60 13.89
C LEU A 369 -2.27 -18.76 13.14
N GLU A 370 -2.50 -19.87 13.83
CA GLU A 370 -3.16 -21.03 13.24
C GLU A 370 -4.66 -20.82 13.23
N PHE A 371 -5.33 -21.44 12.26
CA PHE A 371 -6.79 -21.45 12.24
C PHE A 371 -7.28 -22.75 11.63
N SER A 372 -8.46 -23.19 12.05
CA SER A 372 -9.17 -24.30 11.45
C SER A 372 -10.41 -23.76 10.75
N ALA A 374 -13.29 -24.22 11.55
CA ALA A 374 -14.21 -23.85 12.65
C ALA A 374 -14.13 -22.38 13.02
N ASP A 375 -13.00 -21.74 12.72
CA ASP A 375 -12.78 -20.34 13.06
C ASP A 375 -13.32 -19.36 12.02
N LEU A 376 -13.67 -19.87 10.83
CA LEU A 376 -14.01 -19.00 9.69
C LEU A 376 -15.09 -17.96 9.98
N GLU A 377 -16.10 -18.33 10.76
CA GLU A 377 -17.16 -17.38 11.09
C GLU A 377 -16.75 -16.31 12.11
N ASP A 378 -16.05 -16.70 13.18
CA ASP A 378 -15.56 -15.73 14.15
C ASP A 378 -14.58 -14.76 13.50
N LEU A 379 -13.78 -15.28 12.58
CA LEU A 379 -12.80 -14.47 11.84
C LEU A 379 -13.42 -13.67 10.70
N ALA A 380 -14.69 -13.96 10.37
CA ALA A 380 -15.42 -13.31 9.28
C ALA A 380 -14.64 -13.34 7.96
N ILE A 381 -14.07 -14.51 7.66
CA ILE A 381 -13.39 -14.74 6.40
C ILE A 381 -14.42 -15.22 5.37
N PRO A 382 -14.55 -14.49 4.25
CA PRO A 382 -15.59 -14.73 3.25
C PRO A 382 -15.46 -16.07 2.54
N HIS A 383 -14.22 -16.51 2.32
CA HIS A 383 -13.95 -17.70 1.51
C HIS A 383 -14.07 -18.98 2.30
N ALA A 384 -14.77 -19.94 1.73
CA ALA A 384 -14.96 -21.27 2.32
C ALA A 384 -13.74 -22.17 2.09
N ALA A 385 -13.14 -22.09 0.90
CA ALA A 385 -12.02 -22.95 0.52
C ALA A 385 -10.69 -22.53 1.14
N PHE A 386 -10.08 -23.46 1.87
CA PHE A 386 -8.78 -23.29 2.54
C PHE A 386 -7.69 -22.76 1.60
N LYS A 387 -7.65 -23.30 0.38
CA LYS A 387 -6.69 -22.89 -0.65
C LYS A 387 -6.85 -21.42 -1.08
N ASP A 388 -8.08 -20.92 -1.03
CA ASP A 388 -8.36 -19.52 -1.35
C ASP A 388 -7.92 -18.59 -0.22
N ILE A 389 -8.20 -18.99 1.01
CA ILE A 389 -7.76 -18.24 2.20
C ILE A 389 -6.22 -18.12 2.22
N VAL A 390 -5.54 -19.23 1.95
CA VAL A 390 -4.07 -19.25 1.87
C VAL A 390 -3.56 -18.32 0.77
N LYS A 391 -4.14 -18.44 -0.43
CA LYS A 391 -3.77 -17.58 -1.55
C LYS A 391 -3.96 -16.09 -1.21
N ASP A 394 -1.21 -15.01 1.36
CA ASP A 394 0.14 -15.02 0.79
C ASP A 394 0.36 -13.88 -0.21
N TYR A 395 -0.70 -13.41 -0.85
CA TYR A 395 -0.54 -12.44 -1.93
C TYR A 395 -0.11 -11.04 -1.45
N GLY A 396 -0.56 -10.63 -0.26
CA GLY A 396 -0.23 -9.33 0.29
C GLY A 396 1.27 -9.04 0.32
N GLU A 397 2.01 -9.90 1.00
CA GLU A 397 3.43 -9.71 1.16
C GLU A 397 4.27 -10.65 0.29
N GLY A 398 3.61 -11.56 -0.41
CA GLY A 398 4.29 -12.48 -1.34
C GLY A 398 5.18 -13.52 -0.67
N LEU A 399 4.88 -13.84 0.60
CA LEU A 399 5.62 -14.83 1.37
C LEU A 399 4.70 -16.02 1.66
N LYS A 400 5.28 -17.14 2.12
CA LYS A 400 4.56 -18.42 2.27
C LYS A 400 4.33 -18.93 3.70
N LYS A 401 4.86 -18.22 4.70
CA LYS A 401 4.80 -18.72 6.09
C LYS A 401 3.41 -18.72 6.71
#